data_8TSM
#
_entry.id   8TSM
#
_cell.length_a   112.413
_cell.length_b   112.413
_cell.length_c   242.644
_cell.angle_alpha   90.000
_cell.angle_beta   90.000
_cell.angle_gamma   90.000
#
_symmetry.space_group_name_H-M   'I 41 2 2'
#
loop_
_entity.id
_entity.type
_entity.pdbx_description
1 polymer Netrin-1
2 non-polymer 2-acetamido-2-deoxy-beta-D-glucopyranose
#
_entity_poly.entity_id   1
_entity_poly.type   'polypeptide(L)'
_entity_poly.pdbx_seq_one_letter_code
;APLAGYPGLNMFAVQTAQPDPCYDEHGLPRRCIPDFVNSAFGKEVKVSSTCGKPPSRYCVVTEKGEEQVRSCHLCNASDP
KRAHPPSFLTDLNNPHNLTCWQSDSYVQYPHNVTLTLSLGKKFEVTYVSLQFCSPRPESMAIYKSMDYGKTWVPFQFYST
QCRKMYNKPSRAAITKQNEQEAICTDSHTDVRPLSGGLIAFSTLDGRPTAHDFDNSPVLQDWVTATDIKVTFSRLHTFGD
ENEDDSELARDSYFYAVSDLQVGGRCKCNGHASRCVRDRDDNLVCDCKHNTAGPECDRCKPFHYDRPWQRATAREANECV
ACNCNLHARRCRFNMELYKLSGRKSGGVCLNCRHNTAGRHCHYCKEGFYRDLSKPISHRKACKEGSSGGGLVP
;
_entity_poly.pdbx_strand_id   A
#
loop_
_chem_comp.id
_chem_comp.type
_chem_comp.name
_chem_comp.formula
NAG D-saccharide, beta linking 2-acetamido-2-deoxy-beta-D-glucopyranose 'C8 H15 N O6'
#
# COMPACT_ATOMS: atom_id res chain seq x y z
N PRO A 19 -0.78 -25.41 4.69
CA PRO A 19 -1.42 -25.02 5.95
C PRO A 19 -2.07 -23.65 5.88
N ASP A 20 -2.75 -23.35 4.77
CA ASP A 20 -3.39 -22.05 4.53
C ASP A 20 -3.98 -21.50 5.81
N PRO A 21 -3.28 -20.61 6.52
CA PRO A 21 -3.83 -20.08 7.79
C PRO A 21 -5.07 -19.24 7.60
N CYS A 22 -5.43 -18.90 6.36
CA CYS A 22 -6.64 -18.15 6.06
C CYS A 22 -7.87 -18.98 6.41
N TYR A 23 -7.64 -20.21 6.88
CA TYR A 23 -8.67 -21.05 7.47
C TYR A 23 -8.05 -21.70 8.71
N ASP A 24 -8.87 -21.94 9.73
CA ASP A 24 -8.32 -22.40 10.99
C ASP A 24 -8.19 -23.92 11.01
N GLU A 25 -8.04 -24.50 12.19
CA GLU A 25 -7.94 -25.95 12.36
C GLU A 25 -9.00 -26.67 11.57
N HIS A 26 -10.26 -26.49 11.98
CA HIS A 26 -11.39 -27.21 11.40
C HIS A 26 -12.06 -26.37 10.30
N GLY A 27 -11.24 -25.99 9.33
CA GLY A 27 -11.69 -25.40 8.08
C GLY A 27 -12.47 -24.11 8.15
N LEU A 28 -12.50 -23.44 9.31
CA LEU A 28 -13.28 -22.22 9.42
C LEU A 28 -12.50 -21.03 8.89
N PRO A 29 -13.17 -20.06 8.25
CA PRO A 29 -12.45 -18.88 7.76
C PRO A 29 -12.02 -17.97 8.90
N ARG A 30 -10.79 -17.46 8.79
CA ARG A 30 -10.24 -16.54 9.78
C ARG A 30 -9.33 -15.56 9.07
N ARG A 31 -9.17 -14.38 9.68
CA ARG A 31 -8.41 -13.30 9.05
C ARG A 31 -6.99 -13.75 8.75
N CYS A 32 -6.43 -13.19 7.68
CA CYS A 32 -5.04 -13.48 7.33
C CYS A 32 -4.49 -12.32 6.51
N ILE A 33 -3.29 -11.87 6.86
CA ILE A 33 -2.59 -10.82 6.12
C ILE A 33 -1.21 -11.34 5.74
N PRO A 34 -0.62 -10.85 4.67
CA PRO A 34 0.65 -11.38 4.19
C PRO A 34 1.81 -11.07 5.13
N ASP A 35 3.03 -11.21 4.65
CA ASP A 35 4.22 -11.08 5.48
C ASP A 35 4.88 -9.73 5.25
N PHE A 36 5.33 -9.12 6.34
CA PHE A 36 5.89 -7.78 6.27
C PHE A 36 7.25 -7.82 5.59
N VAL A 37 7.46 -6.92 4.63
CA VAL A 37 8.64 -6.94 3.79
C VAL A 37 9.20 -5.54 3.61
N ASN A 38 10.45 -5.49 3.17
CA ASN A 38 10.99 -4.31 2.49
C ASN A 38 10.51 -4.42 1.05
N SER A 39 9.35 -3.81 0.79
CA SER A 39 8.81 -3.80 -0.57
C SER A 39 9.74 -3.04 -1.51
N ALA A 40 10.31 -1.93 -1.03
CA ALA A 40 11.28 -1.19 -1.82
C ALA A 40 12.37 -2.11 -2.35
N PHE A 41 12.77 -3.09 -1.55
CA PHE A 41 13.88 -3.97 -1.89
C PHE A 41 13.80 -4.52 -3.31
N GLY A 42 14.75 -4.11 -4.15
CA GLY A 42 14.90 -4.68 -5.48
C GLY A 42 14.09 -4.03 -6.56
N LYS A 43 13.42 -2.92 -6.29
CA LYS A 43 12.51 -2.29 -7.23
C LYS A 43 13.17 -1.05 -7.84
N GLU A 44 12.63 -0.65 -8.99
CA GLU A 44 13.18 0.48 -9.73
C GLU A 44 12.54 1.79 -9.29
N VAL A 45 13.39 2.80 -9.13
CA VAL A 45 12.96 4.16 -8.80
C VAL A 45 13.18 5.01 -10.04
N LYS A 46 12.14 5.74 -10.46
CA LYS A 46 12.30 6.70 -11.55
C LYS A 46 12.70 8.04 -10.92
N VAL A 47 14.02 8.27 -10.88
CA VAL A 47 14.57 9.49 -10.29
C VAL A 47 14.38 10.65 -11.24
N SER A 48 14.56 11.88 -10.74
CA SER A 48 14.52 13.08 -11.58
C SER A 48 15.91 13.64 -11.86
N SER A 49 16.96 12.95 -11.42
CA SER A 49 18.32 13.45 -11.60
C SER A 49 19.35 12.40 -11.21
N THR A 50 20.35 12.19 -12.07
CA THR A 50 21.48 11.33 -11.75
C THR A 50 22.72 11.93 -12.40
N CYS A 51 23.71 12.29 -11.58
CA CYS A 51 24.89 12.95 -12.11
C CYS A 51 25.73 11.96 -12.91
N GLY A 52 26.69 12.51 -13.65
CA GLY A 52 27.61 11.75 -14.47
C GLY A 52 27.61 12.15 -15.93
N LYS A 53 26.46 12.57 -16.45
CA LYS A 53 26.36 12.98 -17.86
C LYS A 53 25.81 14.39 -17.99
N PRO A 54 26.67 15.37 -18.30
CA PRO A 54 28.12 15.21 -18.45
C PRO A 54 28.80 15.10 -17.09
N PRO A 55 29.96 14.44 -17.02
CA PRO A 55 30.69 14.34 -15.74
C PRO A 55 30.81 15.69 -15.06
N SER A 56 30.78 15.70 -13.73
CA SER A 56 30.71 16.97 -13.01
C SER A 56 31.37 16.91 -11.63
N ARG A 57 31.55 18.10 -11.04
CA ARG A 57 32.28 18.30 -9.80
C ARG A 57 31.33 18.34 -8.61
N TYR A 58 31.70 17.65 -7.53
CA TYR A 58 30.98 17.72 -6.27
C TYR A 58 31.98 17.72 -5.11
N CYS A 59 31.52 18.15 -3.94
CA CYS A 59 32.41 18.29 -2.79
C CYS A 59 31.71 17.89 -1.50
N VAL A 60 32.47 17.21 -0.64
CA VAL A 60 31.96 16.60 0.58
C VAL A 60 32.75 17.14 1.76
N VAL A 61 32.05 17.57 2.79
CA VAL A 61 32.67 18.04 4.03
C VAL A 61 32.90 16.84 4.94
N THR A 62 34.08 16.78 5.56
CA THR A 62 34.42 15.71 6.50
C THR A 62 35.04 16.38 7.74
N GLU A 63 34.19 16.64 8.73
CA GLU A 63 34.62 17.28 9.97
C GLU A 63 35.42 16.29 10.82
N LYS A 64 36.67 16.65 11.14
CA LYS A 64 37.54 15.82 11.98
C LYS A 64 37.98 16.66 13.19
N GLY A 65 37.25 16.54 14.29
CA GLY A 65 37.62 17.21 15.58
C GLY A 65 36.96 18.61 15.65
N GLU A 66 37.79 19.64 15.51
CA GLU A 66 37.32 21.00 15.33
C GLU A 66 37.25 21.38 13.85
N GLU A 67 38.05 20.73 13.01
CA GLU A 67 38.37 21.17 11.67
C GLU A 67 37.37 20.63 10.66
N GLN A 68 37.42 21.19 9.45
CA GLN A 68 36.49 20.86 8.38
C GLN A 68 37.25 20.58 7.09
N VAL A 69 37.37 19.29 6.75
CA VAL A 69 38.19 18.86 5.63
C VAL A 69 37.31 18.84 4.38
N ARG A 70 37.42 19.91 3.59
CA ARG A 70 36.79 19.97 2.27
C ARG A 70 37.43 18.94 1.36
N SER A 71 36.61 18.07 0.77
CA SER A 71 37.09 17.01 -0.10
C SER A 71 36.19 16.93 -1.33
N CYS A 72 36.78 16.98 -2.51
CA CYS A 72 36.04 17.04 -3.76
C CYS A 72 36.45 15.87 -4.66
N HIS A 73 35.46 15.14 -5.17
CA HIS A 73 35.67 14.11 -6.17
C HIS A 73 34.70 14.37 -7.32
N LEU A 74 34.89 13.65 -8.42
CA LEU A 74 34.14 13.89 -9.64
C LEU A 74 33.04 12.85 -9.83
N CYS A 75 31.96 13.25 -10.52
CA CYS A 75 30.87 12.34 -10.85
C CYS A 75 30.87 12.10 -12.36
N ASN A 76 31.30 10.91 -12.78
CA ASN A 76 31.32 10.49 -14.18
C ASN A 76 30.55 9.19 -14.28
N ALA A 77 29.62 9.11 -15.22
CA ALA A 77 28.76 7.94 -15.34
C ALA A 77 29.39 6.81 -16.14
N SER A 78 29.92 7.12 -17.33
CA SER A 78 30.38 6.09 -18.25
C SER A 78 31.65 5.38 -17.80
N ASP A 79 32.27 5.81 -16.72
CA ASP A 79 33.25 4.99 -15.99
C ASP A 79 32.63 4.73 -14.62
N PRO A 80 32.19 3.51 -14.32
CA PRO A 80 31.07 3.37 -13.36
C PRO A 80 31.39 3.80 -11.94
N LYS A 81 32.56 3.46 -11.40
CA LYS A 81 32.78 3.52 -9.96
C LYS A 81 32.45 4.86 -9.32
N ARG A 82 32.40 5.96 -10.09
CA ARG A 82 32.08 7.29 -9.56
C ARG A 82 30.76 7.82 -10.12
N ALA A 83 29.84 6.92 -10.46
CA ALA A 83 28.46 7.24 -10.79
C ALA A 83 27.59 6.95 -9.58
N HIS A 84 26.30 7.31 -9.68
CA HIS A 84 25.39 7.19 -8.54
C HIS A 84 23.98 6.91 -9.04
N PRO A 85 23.70 5.65 -9.40
CA PRO A 85 22.42 5.33 -10.05
C PRO A 85 21.30 5.14 -9.05
N PRO A 86 20.05 5.07 -9.54
CA PRO A 86 18.91 4.86 -8.64
C PRO A 86 18.97 3.57 -7.85
N SER A 87 19.62 2.53 -8.38
CA SER A 87 19.59 1.22 -7.74
C SER A 87 20.25 1.22 -6.36
N PHE A 88 21.14 2.19 -6.09
CA PHE A 88 21.76 2.29 -4.79
C PHE A 88 20.74 2.39 -3.67
N LEU A 89 19.53 2.85 -3.99
CA LEU A 89 18.51 3.11 -2.98
C LEU A 89 17.89 1.82 -2.50
N THR A 90 17.30 1.06 -3.44
CA THR A 90 16.49 -0.11 -3.15
C THR A 90 17.31 -1.39 -3.16
N ASP A 91 18.63 -1.29 -3.10
CA ASP A 91 19.49 -2.45 -3.19
C ASP A 91 19.85 -2.97 -1.79
N LEU A 92 20.53 -4.11 -1.77
CA LEU A 92 21.29 -4.48 -0.60
C LEU A 92 22.02 -3.24 -0.11
N ASN A 93 21.64 -2.72 1.05
CA ASN A 93 22.48 -1.77 1.76
C ASN A 93 23.29 -2.56 2.77
N ASN A 94 24.60 -2.44 2.72
CA ASN A 94 25.48 -3.08 3.68
C ASN A 94 26.29 -1.99 4.36
N PRO A 95 26.24 -1.89 5.70
CA PRO A 95 26.81 -0.73 6.38
C PRO A 95 28.31 -0.48 6.20
N HIS A 96 28.99 -1.29 5.41
CA HIS A 96 30.36 -0.96 5.00
C HIS A 96 30.32 -0.41 3.59
N ASN A 97 30.16 -1.30 2.61
CA ASN A 97 29.88 -0.90 1.23
C ASN A 97 28.48 -0.29 1.17
N LEU A 98 28.40 0.99 1.54
CA LEU A 98 27.14 1.73 1.58
C LEU A 98 26.86 2.34 0.22
N THR A 99 25.61 2.25 -0.22
CA THR A 99 25.23 2.55 -1.60
C THR A 99 24.45 3.86 -1.65
N CYS A 100 25.16 4.99 -1.80
CA CYS A 100 24.52 6.30 -1.85
C CYS A 100 24.24 6.67 -3.31
N TRP A 101 22.97 6.73 -3.69
CA TRP A 101 22.59 7.39 -4.92
C TRP A 101 22.87 8.89 -4.78
N GLN A 102 23.12 9.55 -5.91
CA GLN A 102 23.48 10.97 -5.88
C GLN A 102 23.03 11.64 -7.16
N SER A 103 22.23 12.70 -7.02
CA SER A 103 21.72 13.43 -8.16
C SER A 103 22.82 14.28 -8.79
N ASP A 104 22.44 15.07 -9.79
CA ASP A 104 23.32 16.13 -10.26
C ASP A 104 23.50 17.16 -9.14
N SER A 105 24.75 17.44 -8.80
CA SER A 105 25.07 18.41 -7.76
C SER A 105 24.49 19.78 -8.14
N TYR A 106 24.68 20.76 -7.27
CA TYR A 106 24.28 22.14 -7.53
C TYR A 106 22.84 22.22 -8.08
N VAL A 107 21.86 21.78 -7.27
CA VAL A 107 20.45 21.82 -7.68
C VAL A 107 19.61 22.37 -6.53
N GLN A 108 18.70 23.31 -6.86
CA GLN A 108 18.18 24.20 -5.84
C GLN A 108 16.66 24.30 -5.76
N TYR A 109 16.19 25.26 -4.96
CA TYR A 109 14.81 25.74 -4.99
C TYR A 109 14.58 26.55 -6.26
N PRO A 110 13.33 26.64 -6.76
CA PRO A 110 12.09 25.92 -6.39
C PRO A 110 11.84 24.72 -7.29
N HIS A 111 12.84 23.87 -7.46
CA HIS A 111 12.85 22.88 -8.53
C HIS A 111 12.52 21.51 -7.95
N ASN A 112 11.31 21.05 -8.22
CA ASN A 112 10.80 19.81 -7.66
C ASN A 112 11.70 18.66 -8.11
N VAL A 113 12.65 18.30 -7.23
CA VAL A 113 13.46 17.09 -7.38
C VAL A 113 12.56 15.89 -7.09
N THR A 114 11.65 15.57 -7.98
CA THR A 114 10.61 14.59 -7.71
C THR A 114 11.08 13.19 -8.12
N LEU A 115 11.30 12.35 -7.12
CA LEU A 115 11.52 10.92 -7.34
C LEU A 115 10.19 10.20 -7.22
N THR A 116 9.98 9.19 -8.06
CA THR A 116 8.71 8.47 -8.09
C THR A 116 8.96 6.98 -8.09
N LEU A 117 8.33 6.28 -7.15
CA LEU A 117 8.40 4.83 -7.04
C LEU A 117 7.05 4.23 -7.44
N SER A 118 7.11 3.04 -8.04
CA SER A 118 5.93 2.33 -8.50
C SER A 118 5.82 1.03 -7.71
N LEU A 119 4.83 0.95 -6.82
CA LEU A 119 4.75 -0.19 -5.91
C LEU A 119 4.37 -1.47 -6.65
N GLY A 120 3.23 -1.46 -7.33
CA GLY A 120 2.76 -2.60 -8.09
C GLY A 120 1.42 -3.13 -7.67
N LYS A 121 0.92 -2.74 -6.49
CA LYS A 121 -0.36 -3.20 -5.98
C LYS A 121 -0.69 -2.34 -4.77
N LYS A 122 -1.98 -2.32 -4.42
CA LYS A 122 -2.40 -1.64 -3.20
C LYS A 122 -1.65 -2.23 -2.01
N PHE A 123 -0.98 -1.37 -1.25
CA PHE A 123 -0.27 -1.77 -0.05
C PHE A 123 -0.57 -0.80 1.07
N GLU A 124 -0.79 -1.33 2.26
CA GLU A 124 -1.11 -0.56 3.45
C GLU A 124 0.20 -0.34 4.18
N VAL A 125 0.76 0.87 4.03
CA VAL A 125 2.15 1.15 4.34
C VAL A 125 2.30 1.50 5.81
N THR A 126 3.27 0.85 6.47
CA THR A 126 3.57 1.16 7.85
C THR A 126 4.43 2.41 7.97
N TYR A 127 5.46 2.53 7.14
CA TYR A 127 6.45 3.59 7.30
C TYR A 127 7.16 3.85 5.97
N VAL A 128 7.90 4.96 5.93
CA VAL A 128 8.75 5.33 4.81
C VAL A 128 10.02 5.95 5.40
N SER A 129 11.17 5.34 5.15
CA SER A 129 12.42 5.76 5.78
C SER A 129 13.52 6.02 4.76
N LEU A 130 14.26 7.10 4.97
CA LEU A 130 15.31 7.59 4.09
C LEU A 130 16.56 7.82 4.92
N GLN A 131 17.71 7.36 4.44
CA GLN A 131 18.98 7.60 5.11
C GLN A 131 19.88 8.43 4.21
N PHE A 132 20.18 9.64 4.64
CA PHE A 132 20.88 10.61 3.80
C PHE A 132 22.39 10.55 3.98
N CYS A 133 23.10 10.71 2.88
CA CYS A 133 24.56 10.84 2.87
C CYS A 133 24.99 12.29 2.79
N SER A 134 24.14 13.14 2.29
CA SER A 134 24.17 14.58 2.36
C SER A 134 23.32 15.04 3.54
N PRO A 135 23.57 16.20 4.13
CA PRO A 135 22.72 16.63 5.25
C PRO A 135 21.23 16.57 4.89
N ARG A 136 20.42 16.07 5.83
CA ARG A 136 18.99 15.94 5.63
C ARG A 136 18.42 17.22 5.06
N PRO A 137 17.73 17.17 3.90
CA PRO A 137 17.26 18.40 3.26
C PRO A 137 16.43 19.24 4.20
N GLU A 138 16.34 20.53 3.89
CA GLU A 138 15.49 21.41 4.67
C GLU A 138 14.03 21.22 4.30
N SER A 139 13.71 21.31 3.01
CA SER A 139 12.34 21.25 2.54
C SER A 139 12.19 20.06 1.59
N MET A 140 11.58 18.99 2.10
CA MET A 140 11.14 17.84 1.31
C MET A 140 9.67 17.60 1.63
N ALA A 141 9.09 16.59 0.98
CA ALA A 141 7.71 16.25 1.26
C ALA A 141 7.40 14.88 0.67
N ILE A 142 6.69 14.06 1.42
CA ILE A 142 6.26 12.74 0.97
C ILE A 142 4.85 12.87 0.43
N TYR A 143 4.67 12.54 -0.84
CA TYR A 143 3.35 12.44 -1.43
C TYR A 143 3.00 10.96 -1.57
N LYS A 144 1.79 10.71 -2.02
CA LYS A 144 1.38 9.33 -2.27
C LYS A 144 0.30 9.34 -3.34
N SER A 145 0.20 8.21 -4.04
CA SER A 145 -0.80 8.02 -5.08
C SER A 145 -1.54 6.72 -4.78
N MET A 146 -2.86 6.82 -4.57
CA MET A 146 -3.69 5.64 -4.39
C MET A 146 -4.27 5.14 -5.71
N ASP A 147 -4.16 5.93 -6.77
CA ASP A 147 -4.74 5.62 -8.08
C ASP A 147 -3.71 5.08 -9.06
N TYR A 148 -2.53 4.72 -8.57
CA TYR A 148 -1.47 4.18 -9.41
C TYR A 148 -0.97 5.24 -10.40
N GLY A 149 -0.37 6.31 -9.89
CA GLY A 149 0.31 7.27 -10.74
C GLY A 149 -0.57 8.13 -11.60
N LYS A 150 -1.77 8.44 -11.15
CA LYS A 150 -2.68 9.35 -11.84
C LYS A 150 -2.79 10.69 -11.14
N THR A 151 -2.88 10.67 -9.80
CA THR A 151 -2.89 11.87 -8.97
C THR A 151 -1.95 11.62 -7.78
N TRP A 152 -1.84 12.62 -6.93
CA TRP A 152 -0.94 12.55 -5.78
C TRP A 152 -1.55 13.33 -4.63
N VAL A 153 -1.10 12.99 -3.42
CA VAL A 153 -1.60 13.72 -2.26
C VAL A 153 -0.56 13.83 -1.16
N PRO A 154 -0.59 14.94 -0.41
CA PRO A 154 0.30 15.11 0.73
C PRO A 154 0.26 13.94 1.69
N PHE A 155 1.40 13.29 1.86
CA PHE A 155 1.54 12.19 2.80
C PHE A 155 2.14 12.65 4.11
N GLN A 156 3.19 13.47 4.05
CA GLN A 156 3.77 14.08 5.24
C GLN A 156 4.84 15.07 4.78
N PHE A 157 4.91 16.20 5.45
CA PHE A 157 5.84 17.26 5.08
C PHE A 157 6.98 17.40 6.06
N TYR A 158 8.10 17.89 5.53
CA TYR A 158 9.28 18.22 6.32
C TYR A 158 9.79 19.56 5.82
N SER A 159 9.88 20.54 6.73
CA SER A 159 10.35 21.86 6.37
C SER A 159 10.47 22.74 7.61
N THR A 160 11.70 23.21 7.91
CA THR A 160 11.90 24.08 9.06
C THR A 160 11.08 25.35 8.95
N GLN A 161 10.63 25.71 7.74
CA GLN A 161 9.71 26.83 7.50
C GLN A 161 8.50 26.22 6.82
N CYS A 162 7.54 25.76 7.62
CA CYS A 162 6.43 25.00 7.06
C CYS A 162 5.40 25.92 6.46
N ARG A 163 5.16 27.06 7.09
CA ARG A 163 4.05 27.93 6.71
C ARG A 163 4.24 28.51 5.32
N LYS A 164 5.48 28.78 4.92
CA LYS A 164 5.75 29.34 3.61
C LYS A 164 5.82 28.24 2.55
N MET A 165 6.77 27.33 2.72
CA MET A 165 7.09 26.33 1.71
C MET A 165 5.86 25.57 1.28
N TYR A 166 5.35 24.71 2.18
CA TYR A 166 4.24 23.82 1.88
C TYR A 166 2.92 24.37 2.39
N ASN A 167 2.90 25.62 2.84
CA ASN A 167 1.67 26.33 3.18
C ASN A 167 0.90 25.66 4.32
N LYS A 168 1.42 24.55 4.83
CA LYS A 168 0.77 23.89 5.96
C LYS A 168 1.29 24.46 7.28
N PRO A 169 0.50 24.35 8.35
CA PRO A 169 0.99 24.76 9.67
C PRO A 169 2.09 23.81 10.16
N SER A 170 3.08 24.38 10.84
CA SER A 170 4.24 23.61 11.28
C SER A 170 3.81 22.64 12.37
N ARG A 171 3.73 21.35 12.03
CA ARG A 171 3.29 20.30 12.93
C ARG A 171 1.83 20.46 13.31
N ALA A 172 0.93 20.32 12.32
CA ALA A 172 -0.50 20.46 12.58
C ALA A 172 -0.97 19.34 13.51
N ALA A 173 -1.91 19.67 14.40
CA ALA A 173 -2.46 18.67 15.30
C ALA A 173 -3.53 17.84 14.59
N ILE A 174 -3.56 16.56 14.91
CA ILE A 174 -4.47 15.62 14.26
C ILE A 174 -5.52 15.24 15.30
N THR A 175 -6.71 15.80 15.13
CA THR A 175 -7.89 15.44 15.90
C THR A 175 -8.84 14.65 14.99
N LYS A 176 -10.10 14.49 15.42
CA LYS A 176 -11.07 13.64 14.75
C LYS A 176 -11.45 14.14 13.36
N GLN A 177 -10.94 15.28 12.92
CA GLN A 177 -11.46 15.93 11.73
C GLN A 177 -10.45 16.08 10.60
N ASN A 178 -9.15 15.95 10.85
CA ASN A 178 -8.14 15.98 9.80
C ASN A 178 -7.19 14.79 9.93
N GLU A 179 -7.74 13.60 10.22
CA GLU A 179 -6.91 12.40 10.36
C GLU A 179 -6.33 11.92 9.03
N GLN A 180 -6.36 12.77 7.99
CA GLN A 180 -5.69 12.47 6.74
C GLN A 180 -4.95 13.68 6.17
N GLU A 181 -4.89 14.79 6.91
CA GLU A 181 -4.03 15.89 6.50
C GLU A 181 -2.58 15.53 6.81
N ALA A 182 -1.73 15.57 5.81
CA ALA A 182 -0.29 15.59 6.05
C ALA A 182 0.04 16.83 6.87
N ILE A 183 0.61 16.63 8.04
CA ILE A 183 1.07 17.76 8.85
C ILE A 183 2.50 18.02 8.41
N CYS A 184 3.12 19.08 8.91
CA CYS A 184 4.38 19.56 8.37
C CYS A 184 5.35 19.81 9.51
N THR A 185 6.40 19.00 9.58
CA THR A 185 7.33 19.05 10.69
C THR A 185 8.67 19.65 10.26
N ASP A 186 9.59 19.66 11.24
CA ASP A 186 10.92 20.25 11.05
C ASP A 186 11.95 19.54 11.92
N SER A 187 11.65 18.36 12.44
CA SER A 187 12.63 17.59 13.20
C SER A 187 13.31 16.59 12.28
N HIS A 188 14.62 16.38 12.52
CA HIS A 188 15.48 15.59 11.64
C HIS A 188 15.65 16.28 10.31
N THR A 189 15.19 17.52 10.18
CA THR A 189 15.51 18.41 9.09
C THR A 189 16.80 19.16 9.36
N ASP A 190 17.65 18.60 10.21
CA ASP A 190 18.84 19.25 10.71
C ASP A 190 20.05 18.73 9.95
N VAL A 191 21.05 19.60 9.79
CA VAL A 191 22.22 19.24 9.01
C VAL A 191 22.93 18.05 9.65
N ARG A 192 23.04 18.05 10.97
CA ARG A 192 23.93 17.08 11.60
C ARG A 192 23.18 15.78 11.91
N PRO A 193 23.83 14.64 11.62
CA PRO A 193 25.17 14.52 11.03
C PRO A 193 25.15 14.81 9.53
N LEU A 194 26.27 15.36 9.03
CA LEU A 194 26.40 15.66 7.61
C LEU A 194 25.90 14.50 6.77
N SER A 195 26.29 13.29 7.14
CA SER A 195 25.90 12.06 6.47
C SER A 195 25.44 11.06 7.52
N GLY A 196 24.42 10.29 7.18
CA GLY A 196 23.85 9.31 8.09
C GLY A 196 22.49 9.69 8.63
N GLY A 197 21.97 10.86 8.29
CA GLY A 197 20.69 11.29 8.81
C GLY A 197 19.54 10.46 8.29
N LEU A 198 18.89 9.71 9.18
CA LEU A 198 17.76 8.86 8.82
C LEU A 198 16.46 9.56 9.17
N ILE A 199 15.51 9.57 8.22
CA ILE A 199 14.22 10.21 8.39
C ILE A 199 13.18 9.10 8.34
N ALA A 200 12.67 8.68 9.50
CA ALA A 200 11.70 7.59 9.59
C ALA A 200 10.31 8.17 9.84
N PHE A 201 9.45 8.09 8.83
CA PHE A 201 8.08 8.56 8.91
C PHE A 201 7.14 7.38 9.10
N SER A 202 6.31 7.44 10.14
CA SER A 202 5.29 6.42 10.36
C SER A 202 3.93 7.00 9.97
N THR A 203 3.27 6.32 9.01
CA THR A 203 2.00 6.77 8.48
C THR A 203 0.98 6.99 9.61
N LEU A 204 0.65 5.90 10.32
CA LEU A 204 -0.39 5.95 11.34
C LEU A 204 0.04 6.72 12.57
N ASP A 205 1.31 7.10 12.68
CA ASP A 205 1.81 7.73 13.89
C ASP A 205 1.07 9.04 14.16
N GLY A 206 0.60 9.21 15.38
CA GLY A 206 -0.03 10.45 15.80
C GLY A 206 -1.47 10.61 15.42
N ARG A 207 -2.18 9.52 15.15
CA ARG A 207 -3.59 9.57 14.75
C ARG A 207 -4.45 9.06 15.90
N PRO A 208 -5.46 9.84 16.39
CA PRO A 208 -6.18 9.44 17.61
C PRO A 208 -6.80 8.05 17.64
N THR A 209 -6.97 7.43 16.48
CA THR A 209 -7.64 6.14 16.38
C THR A 209 -6.71 5.08 15.79
N ALA A 210 -5.42 5.17 16.12
CA ALA A 210 -4.47 4.20 15.62
C ALA A 210 -4.62 2.84 16.29
N HIS A 211 -5.06 2.83 17.54
CA HIS A 211 -5.22 1.58 18.29
C HIS A 211 -6.44 0.78 17.90
N ASP A 212 -7.11 1.12 16.80
CA ASP A 212 -8.24 0.37 16.26
C ASP A 212 -8.25 0.52 14.73
N PHE A 213 -7.18 0.04 14.10
CA PHE A 213 -7.09 0.10 12.65
C PHE A 213 -8.05 -0.89 11.99
N ASP A 214 -8.34 -2.01 12.67
CA ASP A 214 -9.30 -2.98 12.16
C ASP A 214 -10.65 -2.34 11.87
N ASN A 215 -11.05 -1.37 12.68
CA ASN A 215 -12.35 -0.72 12.54
C ASN A 215 -12.21 0.78 12.26
N SER A 216 -11.07 1.20 11.74
CA SER A 216 -10.84 2.58 11.32
C SER A 216 -10.69 2.58 9.80
N PRO A 217 -11.80 2.68 9.06
CA PRO A 217 -11.69 2.65 7.58
C PRO A 217 -10.97 3.86 7.02
N VAL A 218 -10.87 4.95 7.78
CA VAL A 218 -10.22 6.16 7.29
C VAL A 218 -8.71 6.05 7.40
N LEU A 219 -8.22 5.51 8.52
CA LEU A 219 -6.80 5.22 8.64
C LEU A 219 -6.40 4.08 7.72
N GLN A 220 -7.34 3.14 7.47
CA GLN A 220 -7.14 2.15 6.42
C GLN A 220 -7.03 2.79 5.05
N ASP A 221 -7.56 4.01 4.90
CA ASP A 221 -7.37 4.79 3.69
C ASP A 221 -6.15 5.69 3.77
N TRP A 222 -5.67 6.01 4.98
CA TRP A 222 -4.47 6.83 5.11
C TRP A 222 -3.22 6.04 4.74
N VAL A 223 -3.25 4.71 4.88
CA VAL A 223 -2.11 3.86 4.53
C VAL A 223 -2.25 3.24 3.15
N THR A 224 -3.42 3.34 2.52
CA THR A 224 -3.62 2.81 1.17
C THR A 224 -2.79 3.60 0.18
N ALA A 225 -1.74 2.98 -0.36
CA ALA A 225 -0.83 3.68 -1.26
C ALA A 225 -0.42 2.77 -2.41
N THR A 226 -0.17 3.39 -3.56
CA THR A 226 0.22 2.67 -4.76
C THR A 226 1.50 3.25 -5.36
N ASP A 227 1.77 4.52 -5.11
CA ASP A 227 3.03 5.14 -5.51
C ASP A 227 3.46 6.16 -4.47
N ILE A 228 4.72 6.56 -4.55
CA ILE A 228 5.32 7.53 -3.64
C ILE A 228 6.11 8.54 -4.45
N LYS A 229 5.86 9.83 -4.20
CA LYS A 229 6.62 10.93 -4.81
C LYS A 229 7.34 11.69 -3.70
N VAL A 230 8.57 12.10 -3.98
CA VAL A 230 9.40 12.85 -3.04
C VAL A 230 9.87 14.13 -3.74
N THR A 231 9.36 15.27 -3.30
CA THR A 231 9.74 16.56 -3.86
C THR A 231 10.74 17.22 -2.91
N PHE A 232 12.02 17.15 -3.28
CA PHE A 232 13.02 18.01 -2.63
C PHE A 232 12.92 19.39 -3.25
N SER A 233 12.74 20.40 -2.42
CA SER A 233 12.77 21.77 -2.86
C SER A 233 14.00 22.51 -2.39
N ARG A 234 14.63 22.07 -1.30
CA ARG A 234 15.72 22.84 -0.73
C ARG A 234 16.48 22.03 0.30
N LEU A 235 17.81 22.11 0.24
CA LEU A 235 18.68 21.58 1.30
C LEU A 235 18.97 22.70 2.28
N HIS A 236 20.23 22.82 2.71
CA HIS A 236 20.69 23.83 3.65
C HIS A 236 21.62 24.81 2.91
N THR A 237 22.00 25.91 3.54
CA THR A 237 22.62 27.02 2.81
C THR A 237 24.16 27.06 2.91
N PHE A 238 24.81 25.91 2.97
CA PHE A 238 26.27 25.92 3.05
C PHE A 238 26.90 26.59 1.83
N ASP A 251 31.71 25.10 -2.95
CA ASP A 251 30.59 25.57 -3.77
C ASP A 251 29.70 24.44 -4.36
N SER A 252 30.07 23.17 -4.11
CA SER A 252 29.21 22.03 -4.39
C SER A 252 28.34 21.65 -3.18
N TYR A 253 27.18 21.06 -3.47
CA TYR A 253 26.13 20.69 -2.53
C TYR A 253 25.11 19.82 -3.27
N PHE A 254 24.60 18.77 -2.63
CA PHE A 254 23.78 17.81 -3.37
C PHE A 254 22.90 16.96 -2.45
N TYR A 255 22.17 16.03 -3.06
CA TYR A 255 21.31 15.05 -2.39
C TYR A 255 21.86 13.66 -2.64
N ALA A 256 22.23 12.94 -1.57
CA ALA A 256 22.70 11.57 -1.66
C ALA A 256 22.00 10.73 -0.60
N VAL A 257 21.44 9.59 -1.02
CA VAL A 257 20.72 8.69 -0.11
C VAL A 257 21.22 7.27 -0.31
N SER A 258 21.33 6.54 0.80
CA SER A 258 22.04 5.26 0.84
C SER A 258 21.11 4.07 0.70
N ASP A 259 20.15 3.92 1.61
CA ASP A 259 19.17 2.85 1.54
C ASP A 259 17.78 3.44 1.73
N LEU A 260 16.82 2.88 1.03
CA LEU A 260 15.45 3.36 1.04
C LEU A 260 14.54 2.18 1.30
N GLN A 261 13.64 2.32 2.27
CA GLN A 261 12.77 1.21 2.65
C GLN A 261 11.33 1.68 2.78
N VAL A 262 10.44 0.99 2.09
CA VAL A 262 9.00 1.24 2.15
C VAL A 262 8.39 -0.03 2.73
N GLY A 263 8.29 -0.09 4.06
CA GLY A 263 7.75 -1.27 4.70
C GLY A 263 6.24 -1.27 4.73
N GLY A 264 5.68 -2.46 4.70
CA GLY A 264 4.23 -2.62 4.70
C GLY A 264 3.84 -4.00 4.21
N ARG A 265 2.59 -4.35 4.50
CA ARG A 265 2.01 -5.60 4.03
C ARG A 265 1.13 -5.35 2.80
N CYS A 266 0.76 -6.45 2.14
CA CYS A 266 -0.04 -6.42 0.92
C CYS A 266 -1.51 -6.32 1.28
N LYS A 267 -2.17 -5.27 0.79
CA LYS A 267 -3.59 -5.06 1.09
C LYS A 267 -4.43 -6.21 0.55
N CYS A 268 -4.73 -7.19 1.39
CA CYS A 268 -5.67 -8.24 1.04
C CYS A 268 -6.95 -8.13 1.84
N ASN A 269 -7.16 -7.00 2.52
CA ASN A 269 -8.32 -6.80 3.39
C ASN A 269 -8.43 -7.92 4.41
N GLY A 270 -7.28 -8.51 4.74
CA GLY A 270 -7.24 -9.66 5.61
C GLY A 270 -7.75 -10.93 5.00
N HIS A 271 -7.76 -11.03 3.66
CA HIS A 271 -8.29 -12.19 2.97
C HIS A 271 -7.24 -13.03 2.27
N ALA A 272 -5.95 -12.69 2.40
CA ALA A 272 -4.88 -13.53 1.84
C ALA A 272 -3.58 -13.28 2.58
N SER A 273 -2.89 -14.36 2.95
CA SER A 273 -1.69 -14.32 3.76
C SER A 273 -0.41 -14.26 2.94
N ARG A 274 -0.52 -13.91 1.66
CA ARG A 274 0.60 -13.91 0.74
C ARG A 274 0.06 -13.38 -0.59
N CYS A 275 0.86 -12.62 -1.33
CA CYS A 275 0.48 -12.17 -2.65
C CYS A 275 1.36 -12.88 -3.67
N VAL A 276 0.87 -12.95 -4.91
CA VAL A 276 1.60 -13.61 -5.99
C VAL A 276 1.19 -12.94 -7.31
N ARG A 277 2.09 -12.93 -8.29
CA ARG A 277 1.75 -12.44 -9.61
C ARG A 277 1.23 -13.60 -10.46
N ASP A 278 0.43 -13.25 -11.46
CA ASP A 278 -0.56 -14.15 -12.04
C ASP A 278 -0.11 -14.58 -13.43
N ARG A 279 -0.96 -14.48 -14.45
CA ARG A 279 -0.66 -14.89 -15.82
C ARG A 279 0.31 -13.92 -16.48
N ASP A 280 -0.18 -12.79 -16.98
CA ASP A 280 0.68 -11.79 -17.62
C ASP A 280 1.46 -10.94 -16.62
N ASP A 281 1.88 -11.55 -15.51
CA ASP A 281 2.67 -10.86 -14.48
C ASP A 281 2.00 -9.58 -13.99
N ASN A 282 1.15 -9.73 -12.97
CA ASN A 282 0.59 -8.62 -12.21
C ASN A 282 0.32 -9.13 -10.80
N LEU A 283 0.76 -8.39 -9.79
CA LEU A 283 0.67 -8.85 -8.41
C LEU A 283 -0.76 -8.72 -7.90
N VAL A 284 -1.38 -9.85 -7.54
CA VAL A 284 -2.69 -9.88 -6.93
C VAL A 284 -2.66 -10.82 -5.73
N CYS A 285 -3.63 -10.63 -4.83
CA CYS A 285 -3.71 -11.45 -3.62
C CYS A 285 -4.05 -12.91 -3.97
N ASP A 286 -3.86 -13.77 -2.97
CA ASP A 286 -4.35 -15.14 -2.98
C ASP A 286 -5.72 -15.21 -2.30
N CYS A 287 -6.66 -14.34 -2.74
CA CYS A 287 -7.91 -14.14 -2.04
C CYS A 287 -8.59 -15.45 -1.67
N LYS A 288 -8.85 -15.61 -0.38
CA LYS A 288 -9.53 -16.75 0.21
C LYS A 288 -10.95 -16.30 0.59
N HIS A 289 -11.55 -17.00 1.55
CA HIS A 289 -12.82 -16.59 2.17
C HIS A 289 -13.91 -16.37 1.13
N ASN A 290 -13.79 -17.02 -0.02
CA ASN A 290 -14.76 -16.90 -1.11
C ASN A 290 -14.90 -15.46 -1.60
N THR A 291 -13.90 -14.62 -1.32
CA THR A 291 -13.84 -13.25 -1.81
C THR A 291 -13.17 -13.22 -3.19
N ALA A 292 -13.40 -12.13 -3.91
CA ALA A 292 -12.78 -11.93 -5.21
C ALA A 292 -12.11 -10.57 -5.28
N GLY A 293 -11.27 -10.41 -6.30
CA GLY A 293 -10.61 -9.15 -6.56
C GLY A 293 -9.13 -9.22 -6.27
N PRO A 294 -8.35 -8.29 -6.82
CA PRO A 294 -6.93 -8.25 -6.47
C PRO A 294 -6.70 -8.00 -5.00
N GLU A 295 -7.57 -7.21 -4.37
CA GLU A 295 -7.49 -6.90 -2.95
C GLU A 295 -8.57 -7.60 -2.16
N CYS A 296 -9.31 -8.51 -2.77
CA CYS A 296 -10.38 -9.24 -2.11
C CYS A 296 -11.53 -8.32 -1.75
N ASP A 297 -11.54 -7.10 -2.30
CA ASP A 297 -12.53 -6.09 -1.95
C ASP A 297 -13.96 -6.54 -2.19
N ARG A 298 -14.18 -7.51 -3.06
CA ARG A 298 -15.51 -7.97 -3.43
C ARG A 298 -15.63 -9.46 -3.17
N CYS A 299 -16.82 -10.01 -3.42
CA CYS A 299 -17.08 -11.44 -3.26
C CYS A 299 -16.96 -12.17 -4.60
N LYS A 300 -16.36 -13.36 -4.57
CA LYS A 300 -16.26 -14.17 -5.77
C LYS A 300 -17.67 -14.47 -6.30
N PRO A 301 -17.84 -14.68 -7.59
CA PRO A 301 -19.20 -14.97 -8.12
C PRO A 301 -19.87 -16.10 -7.34
N PHE A 302 -21.19 -15.95 -7.19
CA PHE A 302 -22.06 -16.90 -6.48
C PHE A 302 -21.93 -16.76 -4.96
N HIS A 303 -20.78 -16.29 -4.47
CA HIS A 303 -20.59 -16.20 -3.02
C HIS A 303 -21.00 -14.85 -2.48
N TYR A 304 -22.15 -14.40 -2.94
CA TYR A 304 -22.73 -13.11 -2.59
C TYR A 304 -23.74 -13.24 -1.45
N ASP A 305 -23.84 -14.42 -0.85
CA ASP A 305 -24.85 -14.62 0.18
C ASP A 305 -24.72 -13.65 1.35
N ARG A 306 -23.55 -13.01 1.49
CA ARG A 306 -23.32 -12.07 2.56
C ARG A 306 -22.48 -10.95 1.99
N PRO A 307 -22.75 -9.69 2.36
CA PRO A 307 -21.97 -8.58 1.80
C PRO A 307 -20.53 -8.69 2.25
N TRP A 308 -19.62 -8.54 1.30
CA TRP A 308 -18.21 -8.57 1.63
C TRP A 308 -17.90 -7.55 2.71
N GLN A 309 -17.22 -7.97 3.77
CA GLN A 309 -16.72 -7.03 4.77
C GLN A 309 -15.25 -7.28 5.00
N ARG A 310 -14.67 -6.48 5.89
CA ARG A 310 -13.25 -6.57 6.15
C ARG A 310 -12.96 -7.68 7.14
N ALA A 311 -11.96 -8.50 6.83
CA ALA A 311 -11.45 -9.49 7.78
C ALA A 311 -10.79 -8.74 8.94
N THR A 312 -11.44 -8.76 10.11
CA THR A 312 -10.94 -8.08 11.30
C THR A 312 -10.50 -9.11 12.34
N ALA A 313 -10.29 -8.63 13.57
CA ALA A 313 -9.58 -9.43 14.57
C ALA A 313 -10.28 -10.76 14.87
N ARG A 314 -11.59 -10.84 14.68
CA ARG A 314 -12.32 -12.04 15.09
C ARG A 314 -13.27 -12.53 14.01
N GLU A 315 -13.79 -11.63 13.18
CA GLU A 315 -14.74 -12.00 12.13
C GLU A 315 -14.08 -11.87 10.76
N ALA A 316 -13.82 -13.01 10.12
CA ALA A 316 -13.37 -13.01 8.73
C ALA A 316 -14.35 -12.26 7.83
N ASN A 317 -15.62 -12.16 8.23
CA ASN A 317 -16.66 -11.57 7.41
C ASN A 317 -16.60 -12.12 6.00
N GLU A 318 -16.35 -13.42 5.88
CA GLU A 318 -16.06 -13.99 4.58
C GLU A 318 -17.28 -13.86 3.67
N CYS A 319 -17.04 -14.13 2.40
CA CYS A 319 -18.12 -14.29 1.44
C CYS A 319 -18.65 -15.72 1.52
N VAL A 320 -19.91 -15.89 1.16
CA VAL A 320 -20.55 -17.20 1.26
C VAL A 320 -21.36 -17.46 0.00
N ALA A 321 -21.26 -18.69 -0.50
CA ALA A 321 -22.04 -19.14 -1.64
C ALA A 321 -23.53 -19.18 -1.29
N CYS A 322 -24.34 -18.74 -2.25
CA CYS A 322 -25.79 -18.80 -2.10
C CYS A 322 -26.26 -20.23 -1.95
N ASN A 323 -27.55 -20.41 -1.69
CA ASN A 323 -28.16 -21.72 -1.53
C ASN A 323 -29.20 -21.90 -2.63
N CYS A 324 -28.90 -22.77 -3.59
CA CYS A 324 -29.81 -23.06 -4.68
C CYS A 324 -30.15 -24.53 -4.78
N ASN A 325 -29.65 -25.37 -3.86
CA ASN A 325 -29.90 -26.80 -3.90
C ASN A 325 -29.39 -27.40 -5.20
N LEU A 326 -28.32 -26.82 -5.73
CA LEU A 326 -27.67 -27.29 -6.95
C LEU A 326 -28.57 -27.14 -8.16
N HIS A 327 -29.42 -26.12 -8.16
CA HIS A 327 -30.33 -25.85 -9.26
C HIS A 327 -29.96 -24.59 -10.01
N ALA A 328 -28.93 -23.87 -9.57
CA ALA A 328 -28.52 -22.65 -10.26
C ALA A 328 -27.00 -22.52 -10.14
N ARG A 329 -26.48 -21.51 -10.84
CA ARG A 329 -25.04 -21.24 -10.84
C ARG A 329 -24.72 -19.80 -10.45
N ARG A 330 -25.61 -18.84 -10.72
CA ARG A 330 -25.43 -17.43 -10.37
C ARG A 330 -26.42 -17.00 -9.29
N CYS A 331 -26.16 -15.84 -8.65
CA CYS A 331 -27.09 -15.23 -7.70
C CYS A 331 -26.66 -13.79 -7.41
N ARG A 332 -27.63 -12.93 -7.09
CA ARG A 332 -27.36 -11.53 -6.74
C ARG A 332 -27.41 -11.36 -5.21
N PHE A 333 -27.85 -10.20 -4.73
CA PHE A 333 -27.85 -9.92 -3.28
C PHE A 333 -28.94 -8.89 -3.00
N ASN A 334 -29.99 -9.31 -2.29
CA ASN A 334 -31.13 -8.45 -1.99
C ASN A 334 -30.97 -7.86 -0.60
N MET A 335 -30.96 -6.52 -0.51
CA MET A 335 -30.62 -5.86 0.75
C MET A 335 -31.80 -5.82 1.71
N GLU A 336 -33.03 -5.69 1.21
CA GLU A 336 -34.17 -5.87 2.09
C GLU A 336 -34.06 -7.21 2.82
N LEU A 337 -33.93 -8.29 2.05
CA LEU A 337 -33.86 -9.63 2.62
C LEU A 337 -32.71 -9.75 3.63
N TYR A 338 -31.62 -9.00 3.44
CA TYR A 338 -30.57 -8.89 4.46
C TYR A 338 -31.16 -8.17 5.68
N LYS A 339 -31.49 -6.89 5.51
CA LYS A 339 -32.00 -6.10 6.63
C LYS A 339 -33.23 -6.74 7.25
N LEU A 340 -34.23 -7.05 6.42
CA LEU A 340 -35.51 -7.52 6.92
C LEU A 340 -35.39 -8.86 7.62
N SER A 341 -34.38 -9.64 7.27
CA SER A 341 -33.98 -10.80 8.05
C SER A 341 -33.18 -10.41 9.29
N GLY A 342 -32.80 -9.15 9.41
CA GLY A 342 -31.94 -8.72 10.49
C GLY A 342 -30.47 -8.81 10.17
N ARG A 343 -30.10 -8.61 8.90
CA ARG A 343 -28.70 -8.69 8.45
C ARG A 343 -28.20 -10.12 8.58
N LYS A 344 -28.86 -11.04 7.87
CA LYS A 344 -28.54 -12.46 7.88
C LYS A 344 -28.11 -12.93 6.49
N SER A 345 -29.00 -12.86 5.50
CA SER A 345 -28.71 -13.33 4.14
C SER A 345 -29.58 -12.57 3.15
N GLY A 346 -28.97 -12.15 2.04
CA GLY A 346 -29.72 -11.63 0.91
C GLY A 346 -29.62 -12.56 -0.28
N GLY A 347 -29.40 -13.84 -0.02
CA GLY A 347 -29.14 -14.81 -1.06
C GLY A 347 -30.35 -15.18 -1.89
N VAL A 348 -30.39 -14.71 -3.14
CA VAL A 348 -31.49 -14.97 -4.06
C VAL A 348 -30.92 -15.68 -5.28
N CYS A 349 -31.30 -16.93 -5.48
CA CYS A 349 -30.85 -17.68 -6.64
C CYS A 349 -31.40 -17.10 -7.94
N LEU A 350 -30.61 -17.19 -9.00
CA LEU A 350 -31.01 -16.77 -10.33
C LEU A 350 -31.16 -18.00 -11.22
N ASN A 351 -32.33 -18.13 -11.84
CA ASN A 351 -32.64 -19.20 -12.77
C ASN A 351 -32.40 -20.58 -12.17
N CYS A 352 -33.35 -21.04 -11.37
CA CYS A 352 -33.34 -22.42 -10.89
C CYS A 352 -33.52 -23.37 -12.07
N ARG A 353 -32.50 -24.21 -12.31
CA ARG A 353 -32.63 -25.25 -13.32
C ARG A 353 -33.33 -26.46 -12.74
N HIS A 354 -33.42 -27.54 -13.53
CA HIS A 354 -33.97 -28.82 -13.09
C HIS A 354 -35.40 -28.69 -12.57
N ASN A 355 -36.17 -27.78 -13.17
CA ASN A 355 -37.61 -27.65 -12.96
C ASN A 355 -37.98 -27.36 -11.51
N THR A 356 -37.18 -26.55 -10.84
CA THR A 356 -37.54 -26.05 -9.52
C THR A 356 -37.75 -24.54 -9.60
N ALA A 357 -38.06 -23.95 -8.45
CA ALA A 357 -38.16 -22.50 -8.36
C ALA A 357 -38.03 -22.11 -6.89
N GLY A 358 -37.94 -20.82 -6.66
CA GLY A 358 -37.90 -20.27 -5.33
C GLY A 358 -36.57 -19.60 -5.01
N ARG A 359 -36.58 -18.88 -3.90
CA ARG A 359 -35.40 -18.19 -3.43
C ARG A 359 -34.20 -19.12 -3.35
N HIS A 360 -34.39 -20.30 -2.74
CA HIS A 360 -33.34 -21.30 -2.63
C HIS A 360 -33.61 -22.49 -3.54
N CYS A 361 -34.31 -22.25 -4.65
CA CYS A 361 -34.78 -23.31 -5.53
C CYS A 361 -35.45 -24.43 -4.72
N HIS A 362 -35.90 -24.08 -3.51
CA HIS A 362 -36.30 -25.05 -2.50
C HIS A 362 -37.69 -25.63 -2.74
N TYR A 363 -38.35 -25.25 -3.82
CA TYR A 363 -39.65 -25.82 -4.13
C TYR A 363 -39.84 -25.91 -5.64
N CYS A 364 -40.59 -26.94 -6.05
CA CYS A 364 -40.76 -27.26 -7.44
C CYS A 364 -41.50 -26.15 -8.17
N LYS A 365 -41.31 -26.13 -9.49
CA LYS A 365 -42.09 -25.27 -10.35
C LYS A 365 -43.56 -25.63 -10.24
N GLU A 366 -44.38 -24.81 -10.88
CA GLU A 366 -45.80 -25.10 -10.99
C GLU A 366 -46.03 -26.26 -11.95
N GLY A 367 -47.02 -27.08 -11.66
CA GLY A 367 -47.36 -28.20 -12.51
C GLY A 367 -46.50 -29.42 -12.26
N PHE A 368 -45.23 -29.22 -11.94
CA PHE A 368 -44.36 -30.32 -11.55
C PHE A 368 -44.57 -30.62 -10.07
N TYR A 369 -45.03 -31.85 -9.79
CA TYR A 369 -45.13 -32.31 -8.41
C TYR A 369 -43.75 -32.63 -7.86
N ARG A 370 -43.62 -32.57 -6.54
CA ARG A 370 -42.41 -32.97 -5.84
C ARG A 370 -42.40 -34.49 -5.66
N ASP A 371 -41.22 -35.09 -5.77
CA ASP A 371 -41.06 -36.54 -5.70
C ASP A 371 -40.42 -36.90 -4.37
N LEU A 372 -41.24 -37.44 -3.45
CA LEU A 372 -40.76 -37.75 -2.11
C LEU A 372 -39.66 -38.80 -2.10
N SER A 373 -39.52 -39.58 -3.17
CA SER A 373 -38.46 -40.58 -3.22
C SER A 373 -37.11 -39.97 -3.57
N LYS A 374 -37.08 -38.73 -4.05
CA LYS A 374 -35.87 -38.07 -4.49
C LYS A 374 -35.65 -36.78 -3.70
N PRO A 375 -34.40 -36.45 -3.37
CA PRO A 375 -34.14 -35.23 -2.58
C PRO A 375 -34.30 -33.96 -3.40
N ILE A 376 -34.38 -32.83 -2.68
CA ILE A 376 -34.61 -31.54 -3.34
C ILE A 376 -33.49 -31.22 -4.32
N SER A 377 -32.31 -31.78 -4.10
CA SER A 377 -31.11 -31.47 -4.89
C SER A 377 -30.94 -32.39 -6.09
N HIS A 378 -31.86 -33.33 -6.31
CA HIS A 378 -31.80 -34.24 -7.45
C HIS A 378 -32.04 -33.47 -8.75
N ARG A 379 -31.52 -34.03 -9.86
CA ARG A 379 -31.77 -33.43 -11.17
C ARG A 379 -33.15 -33.73 -11.71
N LYS A 380 -34.00 -34.41 -10.94
CA LYS A 380 -35.40 -34.60 -11.28
C LYS A 380 -36.23 -34.64 -10.00
N ALA A 381 -35.84 -33.84 -9.00
CA ALA A 381 -36.62 -33.71 -7.78
C ALA A 381 -38.06 -33.27 -8.04
N CYS A 382 -38.36 -32.87 -9.27
CA CYS A 382 -39.66 -32.33 -9.63
C CYS A 382 -40.11 -33.01 -10.91
N LYS A 383 -41.23 -33.71 -10.84
CA LYS A 383 -41.75 -34.47 -11.97
C LYS A 383 -43.06 -33.85 -12.43
N GLU A 384 -43.36 -34.06 -13.71
CA GLU A 384 -44.53 -33.48 -14.35
C GLU A 384 -45.79 -34.26 -13.99
C1 NAG B . 6.84 20.71 -10.78
C2 NAG B . 6.62 19.50 -11.74
C3 NAG B . 5.66 19.87 -12.86
C4 NAG B . 4.39 20.54 -12.33
C5 NAG B . 4.78 21.72 -11.47
C6 NAG B . 3.60 22.42 -10.84
C7 NAG B . 8.58 18.04 -11.78
C8 NAG B . 9.90 17.76 -12.43
N2 NAG B . 7.89 19.06 -12.27
O3 NAG B . 5.32 18.66 -13.54
O4 NAG B . 3.59 20.97 -13.42
O5 NAG B . 5.60 21.26 -10.38
O6 NAG B . 2.75 23.01 -11.81
O7 NAG B . 8.15 17.34 -10.86
H2 NAG B . 6.19 18.78 -11.23
H3 NAG B . 6.08 20.50 -13.47
H4 NAG B . 3.88 19.91 -11.79
H5 NAG B . 5.27 22.36 -12.01
H61 NAG B . 3.93 23.12 -10.25
H62 NAG B . 3.10 21.77 -10.32
H81 NAG B . 10.45 17.22 -11.84
H82 NAG B . 10.35 18.60 -12.62
H83 NAG B . 9.76 17.27 -13.27
HN2 NAG B . 8.23 19.52 -12.99
HO3 NAG B . 4.97 18.83 -14.34
HO4 NAG B . 2.96 21.52 -13.13
HO6 NAG B . 2.25 23.64 -11.43
C1 NAG C . 33.71 -2.26 -0.38
C2 NAG C . 34.53 -2.64 0.80
C3 NAG C . 36.00 -2.57 0.43
C4 NAG C . 36.27 -3.55 -0.71
C5 NAG C . 35.31 -3.31 -1.88
C6 NAG C . 35.37 -4.41 -2.92
C7 NAG C . 34.81 -0.72 2.32
C8 NAG C . 34.37 -0.14 3.64
N2 NAG C . 34.24 -1.88 1.99
O3 NAG C . 36.88 -2.85 1.52
O4 NAG C . 37.61 -3.43 -1.18
O5 NAG C . 33.94 -3.22 -1.45
O6 NAG C . 36.59 -4.38 -3.63
O7 NAG C . 35.62 -0.14 1.61
H2 NAG C . 34.30 -3.57 1.03
H3 NAG C . 36.20 -1.66 0.17
H4 NAG C . 36.13 -4.45 -0.38
H5 NAG C . 35.54 -2.45 -2.28
H61 NAG C . 34.62 -4.31 -3.55
H62 NAG C . 35.28 -5.28 -2.46
H81 NAG C . 34.99 0.58 3.90
H82 NAG C . 34.37 -0.83 4.32
H83 NAG C . 33.48 0.24 3.54
HN2 NAG C . 33.61 -2.22 2.56
HO3 NAG C . 37.72 -2.76 1.25
HO4 NAG C . 38.05 -4.19 -1.08
HO6 NAG C . 36.87 -5.21 -3.80
#